data_8EQ9
#
_entry.id   8EQ9
#
_cell.length_a   126.728
_cell.length_b   126.728
_cell.length_c   58.769
_cell.angle_alpha   90.000
_cell.angle_beta   90.000
_cell.angle_gamma   120.000
#
_symmetry.space_group_name_H-M   'P 32 2 1'
#
loop_
_entity.id
_entity.type
_entity.pdbx_description
1 polymer 'Eukaryotic translation initiation factor 2-alpha kinase 3'
2 non-polymer (2R)-N-[(4M)-4-(4-amino-7-methyl-7H-pyrrolo[2,3-d]pyrimidin-5-yl)-3-methylphenyl]-2-(3-fluorophenyl)-2-hydroxyacetamide
3 water water
#
_entity_poly.entity_id   1
_entity_poly.type   'polypeptide(L)'
_entity_poly.pdbx_seq_one_letter_code
;GSSSWNDIKNSGYISRYLTDFEPIQCLGRGGFGVVFEAKNKVDDCNYAIKRIRLPNRELAREKVMREVKALAKLEHPGIV
RYFNAWLEAPPEKWQEKLQPSSPKVYLYIQMQLCRKENLKDWMNGRCTIEERERSVCLHIFLQIAEAVEFLHSKGLMHRN
LKPSNIFFTMDDVVKVGDFGLVTAMDQDEEEQTVLTPMPAYARHTGQVGTKLYMSPEQIHGNSYSHKVDIFSLGLILFEL
LYPFSTQMERVRTLTDVRNLKFPPLFTQKYPCEYVMVQDMLSPSPMERPEAINIIENAVFEDLDFPGKTVLRQRSRS
;
_entity_poly.pdbx_strand_id   AAA
#
# COMPACT_ATOMS: atom_id res chain seq x y z
N TYR A 13 3.65 -37.14 -1.68
CA TYR A 13 3.76 -35.72 -2.12
C TYR A 13 4.42 -34.89 -1.02
N ILE A 14 5.46 -34.13 -1.37
CA ILE A 14 6.08 -33.08 -0.51
C ILE A 14 6.02 -31.73 -1.25
N SER A 15 5.65 -30.67 -0.52
CA SER A 15 5.36 -29.30 -1.04
C SER A 15 6.67 -28.54 -1.27
N ARG A 16 6.72 -27.74 -2.33
CA ARG A 16 7.91 -26.96 -2.74
C ARG A 16 8.32 -26.02 -1.60
N TYR A 17 7.38 -25.24 -1.07
CA TYR A 17 7.62 -24.22 0.00
C TYR A 17 8.38 -24.86 1.19
N LEU A 18 7.97 -26.05 1.63
CA LEU A 18 8.47 -26.67 2.89
C LEU A 18 9.91 -27.17 2.72
N THR A 19 10.23 -27.73 1.54
CA THR A 19 11.58 -28.28 1.20
C THR A 19 12.62 -27.15 1.17
N ASP A 20 12.27 -26.01 0.58
CA ASP A 20 13.23 -24.96 0.10
C ASP A 20 13.39 -23.81 1.10
N PHE A 21 12.41 -23.58 1.98
CA PHE A 21 12.46 -22.53 3.04
C PHE A 21 12.15 -23.15 4.41
N GLU A 22 12.86 -22.72 5.45
CA GLU A 22 12.50 -22.96 6.87
C GLU A 22 11.75 -21.74 7.40
N PRO A 23 10.40 -21.83 7.61
CA PRO A 23 9.59 -20.70 8.05
C PRO A 23 10.09 -20.03 9.32
N ILE A 24 9.94 -18.71 9.42
CA ILE A 24 10.31 -17.88 10.61
C ILE A 24 9.03 -17.54 11.39
N GLN A 25 7.99 -17.05 10.70
CA GLN A 25 6.75 -16.52 11.34
C GLN A 25 5.70 -16.13 10.29
N CYS A 26 4.54 -15.65 10.76
CA CYS A 26 3.46 -15.00 9.97
C CYS A 26 3.61 -13.48 10.09
N LEU A 27 3.46 -12.75 8.97
CA LEU A 27 3.56 -11.27 8.89
C LEU A 27 2.20 -10.64 8.60
N GLY A 28 1.33 -11.34 7.85
CA GLY A 28 0.04 -10.83 7.38
C GLY A 28 -1.08 -11.85 7.49
N ARG A 29 -2.32 -11.41 7.31
CA ARG A 29 -3.56 -12.21 7.45
C ARG A 29 -4.74 -11.46 6.82
N GLY A 30 -5.56 -12.16 6.04
CA GLY A 30 -6.71 -11.57 5.32
C GLY A 30 -7.27 -12.52 4.27
N GLY A 33 -5.19 -13.04 1.66
CA GLY A 33 -4.47 -14.30 1.96
C GLY A 33 -3.50 -14.14 3.13
N VAL A 34 -2.78 -15.21 3.45
CA VAL A 34 -1.75 -15.28 4.53
C VAL A 34 -0.40 -14.83 3.95
N VAL A 35 0.47 -14.26 4.78
CA VAL A 35 1.85 -13.82 4.39
C VAL A 35 2.84 -14.31 5.46
N PHE A 36 3.86 -15.07 5.05
CA PHE A 36 4.91 -15.65 5.92
C PHE A 36 6.28 -14.99 5.68
N GLU A 37 7.15 -15.09 6.68
CA GLU A 37 8.63 -14.90 6.55
C GLU A 37 9.28 -16.28 6.47
N ALA A 38 10.22 -16.49 5.54
CA ALA A 38 10.86 -17.79 5.29
C ALA A 38 12.22 -17.59 4.62
N LYS A 39 13.30 -18.04 5.27
CA LYS A 39 14.67 -18.06 4.71
C LYS A 39 14.77 -19.20 3.69
N ASN A 40 15.02 -18.88 2.42
CA ASN A 40 15.37 -19.87 1.35
C ASN A 40 16.70 -20.51 1.73
N LYS A 41 16.81 -21.84 1.61
CA LYS A 41 17.96 -22.63 2.13
C LYS A 41 19.17 -22.46 1.20
N VAL A 42 18.99 -22.69 -0.10
CA VAL A 42 20.05 -22.48 -1.15
C VAL A 42 20.77 -21.15 -0.89
N ASP A 43 20.04 -20.01 -0.88
CA ASP A 43 20.63 -18.63 -0.96
C ASP A 43 20.63 -17.94 0.42
N ASP A 44 19.97 -18.51 1.43
CA ASP A 44 20.12 -18.14 2.87
C ASP A 44 19.63 -16.71 3.12
N CYS A 45 18.69 -16.20 2.32
CA CYS A 45 18.03 -14.87 2.50
C CYS A 45 16.55 -15.05 2.85
N ASN A 46 16.03 -14.20 3.76
CA ASN A 46 14.64 -14.23 4.27
C ASN A 46 13.74 -13.44 3.32
N TYR A 47 12.63 -14.04 2.88
CA TYR A 47 11.66 -13.42 1.94
C TYR A 47 10.27 -13.31 2.58
N ALA A 48 9.46 -12.35 2.11
CA ALA A 48 7.99 -12.29 2.31
C ALA A 48 7.31 -13.21 1.29
N ILE A 49 6.51 -14.19 1.74
CA ILE A 49 5.83 -15.17 0.83
C ILE A 49 4.32 -15.14 1.06
N LYS A 50 3.57 -14.70 0.04
CA LYS A 50 2.09 -14.65 0.04
C LYS A 50 1.53 -15.99 -0.45
N ARG A 51 0.83 -16.73 0.43
CA ARG A 51 0.07 -17.97 0.06
C ARG A 51 -1.41 -17.64 -0.10
N ILE A 52 -1.88 -17.65 -1.34
CA ILE A 52 -3.30 -17.53 -1.77
C ILE A 52 -3.84 -18.94 -1.99
N ARG A 53 -4.97 -19.32 -1.38
CA ARG A 53 -5.82 -20.43 -1.88
C ARG A 53 -6.57 -19.89 -3.11
N LEU A 54 -6.58 -20.65 -4.21
CA LEU A 54 -7.08 -20.18 -5.52
C LEU A 54 -8.59 -20.42 -5.61
N PRO A 55 -9.29 -19.73 -6.54
CA PRO A 55 -10.70 -20.03 -6.81
C PRO A 55 -10.86 -21.43 -7.41
N ASN A 56 -12.04 -22.04 -7.28
CA ASN A 56 -12.31 -23.44 -7.72
C ASN A 56 -12.79 -23.46 -9.19
N ARG A 57 -13.21 -22.33 -9.73
CA ARG A 57 -13.87 -22.19 -11.07
C ARG A 57 -12.77 -22.09 -12.13
N GLU A 58 -13.11 -22.17 -13.42
CA GLU A 58 -12.12 -22.25 -14.52
C GLU A 58 -11.98 -20.92 -15.28
N LEU A 59 -12.80 -19.90 -14.94
CA LEU A 59 -12.64 -18.51 -15.45
C LEU A 59 -12.15 -17.59 -14.32
N ALA A 60 -12.31 -18.02 -13.07
CA ALA A 60 -11.77 -17.34 -11.86
C ALA A 60 -10.29 -17.70 -11.67
N ARG A 61 -9.92 -18.97 -11.92
CA ARG A 61 -8.51 -19.44 -11.95
C ARG A 61 -7.74 -18.63 -12.99
N GLU A 62 -8.16 -18.72 -14.25
CA GLU A 62 -7.44 -18.17 -15.43
C GLU A 62 -7.37 -16.64 -15.33
N LYS A 63 -8.40 -15.99 -14.79
CA LYS A 63 -8.44 -14.52 -14.54
C LYS A 63 -7.20 -14.10 -13.72
N VAL A 64 -6.97 -14.78 -12.59
CA VAL A 64 -5.84 -14.55 -11.63
C VAL A 64 -4.53 -14.75 -12.39
N MET A 65 -4.29 -15.94 -12.92
CA MET A 65 -3.05 -16.34 -13.64
C MET A 65 -2.69 -15.37 -14.78
N ARG A 66 -3.63 -14.54 -15.27
CA ARG A 66 -3.34 -13.49 -16.29
C ARG A 66 -2.75 -12.26 -15.59
N GLU A 67 -3.00 -12.13 -14.28
CA GLU A 67 -2.56 -11.02 -13.39
C GLU A 67 -1.12 -11.26 -12.94
N VAL A 68 -0.82 -12.40 -12.29
CA VAL A 68 0.55 -12.78 -11.84
C VAL A 68 1.52 -12.54 -13.01
N LYS A 69 1.08 -12.79 -14.23
CA LYS A 69 1.84 -12.55 -15.49
C LYS A 69 2.12 -11.05 -15.67
N ALA A 70 1.10 -10.20 -15.50
CA ALA A 70 1.20 -8.73 -15.69
C ALA A 70 1.98 -8.09 -14.52
N LEU A 71 1.78 -8.60 -13.30
CA LEU A 71 2.47 -8.11 -12.07
C LEU A 71 3.97 -8.40 -12.13
N ALA A 72 4.34 -9.66 -12.45
CA ALA A 72 5.74 -10.15 -12.47
C ALA A 72 6.58 -9.34 -13.46
N LYS A 73 5.96 -8.52 -14.31
CA LYS A 73 6.67 -7.65 -15.29
C LYS A 73 6.95 -6.27 -14.67
N LEU A 74 6.43 -5.97 -13.48
CA LEU A 74 6.56 -4.62 -12.86
C LEU A 74 7.96 -4.47 -12.27
N GLU A 75 8.60 -3.35 -12.59
CA GLU A 75 9.92 -2.92 -12.07
C GLU A 75 9.84 -1.42 -11.83
N HIS A 76 9.83 -1.01 -10.56
CA HIS A 76 9.82 0.40 -10.11
C HIS A 76 10.35 0.49 -8.69
N PRO A 77 11.03 1.60 -8.31
CA PRO A 77 11.52 1.82 -6.93
C PRO A 77 10.49 1.81 -5.79
N GLY A 78 9.22 2.13 -6.07
CA GLY A 78 8.12 2.12 -5.08
C GLY A 78 7.34 0.80 -5.05
N ILE A 79 7.78 -0.23 -5.78
CA ILE A 79 7.08 -1.53 -5.92
C ILE A 79 7.97 -2.59 -5.30
N VAL A 80 7.48 -3.32 -4.30
CA VAL A 80 8.31 -4.35 -3.60
C VAL A 80 8.88 -5.27 -4.69
N ARG A 81 10.20 -5.53 -4.64
CA ARG A 81 10.89 -6.38 -5.64
C ARG A 81 10.32 -7.80 -5.62
N TYR A 82 9.87 -8.26 -6.79
CA TYR A 82 9.40 -9.64 -7.08
C TYR A 82 10.60 -10.59 -7.24
N PHE A 83 10.39 -11.89 -6.97
CA PHE A 83 11.42 -12.97 -7.11
C PHE A 83 10.87 -14.19 -7.85
N ASN A 84 9.80 -14.84 -7.36
CA ASN A 84 9.23 -16.05 -8.01
CA ASN A 84 9.24 -16.05 -7.99
C ASN A 84 7.74 -16.19 -7.66
N ALA A 85 7.04 -17.04 -8.43
CA ALA A 85 5.67 -17.52 -8.18
C ALA A 85 5.60 -19.01 -8.54
N TRP A 86 4.86 -19.83 -7.79
CA TRP A 86 4.64 -21.26 -8.12
C TRP A 86 3.33 -21.78 -7.52
N LEU A 87 2.75 -22.80 -8.16
CA LEU A 87 1.47 -23.46 -7.74
C LEU A 87 1.79 -24.74 -6.97
N GLU A 88 0.96 -25.05 -5.96
CA GLU A 88 0.97 -26.34 -5.23
C GLU A 88 -0.48 -26.83 -5.11
N ALA A 89 -0.65 -28.13 -4.87
CA ALA A 89 -1.95 -28.79 -4.57
C ALA A 89 -1.70 -30.00 -3.67
N PRO A 90 -1.73 -29.83 -2.33
CA PRO A 90 -1.42 -30.92 -1.41
C PRO A 90 -2.63 -31.77 -1.05
N PRO A 91 -2.45 -32.98 -0.47
CA PRO A 91 -3.56 -33.78 0.06
C PRO A 91 -3.89 -33.40 1.52
N GLU A 92 -4.98 -32.65 1.73
CA GLU A 92 -5.50 -32.29 3.09
C GLU A 92 -5.82 -33.59 3.84
N LYS A 93 -5.71 -33.55 5.17
CA LYS A 93 -5.93 -34.72 6.07
C LYS A 93 -7.43 -34.82 6.37
N TRP A 94 -8.14 -33.69 6.35
CA TRP A 94 -9.56 -33.57 6.78
C TRP A 94 -10.22 -32.39 6.07
N LYS A 104 -7.16 -26.65 -1.29
CA LYS A 104 -7.06 -27.57 -2.45
C LYS A 104 -5.79 -27.23 -3.25
N VAL A 105 -5.71 -26.00 -3.81
CA VAL A 105 -4.61 -25.52 -4.70
C VAL A 105 -4.16 -24.12 -4.28
N TYR A 106 -3.03 -24.02 -3.56
CA TYR A 106 -2.42 -22.75 -3.06
C TYR A 106 -1.35 -22.23 -4.04
N LEU A 107 -1.42 -20.93 -4.33
CA LEU A 107 -0.40 -20.14 -5.08
C LEU A 107 0.52 -19.44 -4.08
N TYR A 108 1.84 -19.57 -4.28
CA TYR A 108 2.89 -18.87 -3.49
C TYR A 108 3.47 -17.72 -4.32
N ILE A 109 3.76 -16.58 -3.68
CA ILE A 109 4.56 -15.47 -4.29
C ILE A 109 5.67 -15.05 -3.33
N GLN A 110 6.92 -15.22 -3.77
CA GLN A 110 8.17 -14.81 -3.09
C GLN A 110 8.44 -13.35 -3.45
N MET A 111 8.42 -12.46 -2.45
CA MET A 111 8.64 -11.00 -2.59
C MET A 111 9.77 -10.61 -1.64
N GLN A 112 10.51 -9.55 -1.99
CA GLN A 112 11.53 -8.93 -1.11
C GLN A 112 10.93 -8.71 0.28
N LEU A 113 11.51 -9.29 1.33
CA LEU A 113 11.09 -9.00 2.73
C LEU A 113 11.35 -7.52 3.03
N CYS A 114 10.46 -6.92 3.82
CA CYS A 114 10.54 -5.51 4.24
C CYS A 114 10.64 -5.36 5.76
N ARG A 115 11.13 -4.20 6.19
CA ARG A 115 11.25 -3.83 7.63
C ARG A 115 9.87 -4.00 8.28
N LYS A 116 9.82 -4.74 9.40
CA LYS A 116 8.59 -5.07 10.16
C LYS A 116 7.88 -3.78 10.63
N GLU A 117 8.62 -2.68 10.78
CA GLU A 117 8.08 -1.34 11.10
C GLU A 117 7.54 -0.71 9.80
N ASN A 118 6.20 -0.63 9.66
CA ASN A 118 5.50 -0.04 8.48
C ASN A 118 5.30 1.46 8.73
N LEU A 119 4.57 2.14 7.83
CA LEU A 119 4.35 3.62 7.91
C LEU A 119 3.55 3.95 9.18
N LYS A 120 2.51 3.16 9.49
CA LYS A 120 1.67 3.31 10.70
C LYS A 120 2.57 3.37 11.94
N ASP A 121 3.39 2.33 12.14
CA ASP A 121 4.34 2.19 13.27
C ASP A 121 5.17 3.48 13.36
N TRP A 122 5.85 3.83 12.28
CA TRP A 122 6.70 5.04 12.12
C TRP A 122 5.93 6.29 12.61
N MET A 123 4.68 6.48 12.19
CA MET A 123 3.84 7.65 12.54
C MET A 123 3.43 7.60 14.02
N ASN A 124 2.92 6.45 14.48
CA ASN A 124 2.47 6.25 15.88
C ASN A 124 3.65 6.38 16.87
N GLY A 125 4.89 6.43 16.38
CA GLY A 125 6.10 6.59 17.22
C GLY A 125 6.65 8.01 17.21
N ARG A 126 6.06 8.90 16.40
CA ARG A 126 6.44 10.34 16.28
C ARG A 126 5.17 11.19 16.34
N CYS A 127 4.80 11.72 17.51
CA CYS A 127 3.47 12.32 17.77
C CYS A 127 3.52 13.85 17.84
N THR A 128 4.70 14.48 17.74
CA THR A 128 4.89 15.95 17.81
C THR A 128 5.17 16.53 16.41
N ILE A 129 4.84 17.80 16.21
CA ILE A 129 5.11 18.59 14.96
C ILE A 129 6.60 18.51 14.63
N GLU A 130 7.45 18.45 15.66
CA GLU A 130 8.94 18.50 15.58
C GLU A 130 9.48 17.17 15.01
N GLU A 131 8.95 16.04 15.47
CA GLU A 131 9.34 14.68 15.00
C GLU A 131 8.78 14.43 13.59
N ARG A 132 7.83 15.28 13.15
CA ARG A 132 7.31 15.35 11.76
C ARG A 132 7.95 16.55 11.04
N GLU A 133 9.17 16.39 10.54
CA GLU A 133 9.88 17.40 9.70
C GLU A 133 9.16 17.52 8.35
N ARG A 134 8.81 18.74 7.93
CA ARG A 134 8.06 19.01 6.67
C ARG A 134 8.82 18.39 5.49
N SER A 135 10.16 18.39 5.52
CA SER A 135 11.04 17.82 4.46
C SER A 135 10.85 16.30 4.34
N VAL A 136 11.15 15.56 5.42
CA VAL A 136 11.13 14.06 5.46
C VAL A 136 9.73 13.56 5.08
N CYS A 137 8.68 14.22 5.58
CA CYS A 137 7.25 13.85 5.37
C CYS A 137 6.89 13.92 3.88
N LEU A 138 7.17 15.04 3.22
CA LEU A 138 6.86 15.25 1.78
C LEU A 138 7.67 14.28 0.92
N HIS A 139 8.92 13.98 1.33
CA HIS A 139 9.83 12.99 0.70
C HIS A 139 9.12 11.63 0.66
N ILE A 140 8.76 11.10 1.84
CA ILE A 140 8.01 9.82 2.03
C ILE A 140 6.77 9.83 1.12
N PHE A 141 5.97 10.89 1.16
CA PHE A 141 4.68 10.98 0.43
C PHE A 141 4.91 10.93 -1.09
N LEU A 142 5.89 11.68 -1.60
CA LEU A 142 6.22 11.71 -3.06
C LEU A 142 6.46 10.28 -3.57
N GLN A 143 7.27 9.51 -2.85
CA GLN A 143 7.62 8.11 -3.21
C GLN A 143 6.33 7.32 -3.42
N ILE A 144 5.40 7.39 -2.45
CA ILE A 144 4.09 6.70 -2.51
C ILE A 144 3.33 7.18 -3.76
N ALA A 145 3.31 8.49 -4.00
CA ALA A 145 2.63 9.14 -5.14
C ALA A 145 3.24 8.65 -6.45
N GLU A 146 4.58 8.60 -6.52
CA GLU A 146 5.33 8.22 -7.75
C GLU A 146 5.05 6.75 -8.10
N ALA A 147 5.01 5.87 -7.09
CA ALA A 147 4.63 4.44 -7.23
C ALA A 147 3.21 4.33 -7.80
N VAL A 148 2.30 5.21 -7.36
CA VAL A 148 0.87 5.19 -7.79
C VAL A 148 0.80 5.69 -9.22
N GLU A 149 1.58 6.73 -9.57
CA GLU A 149 1.72 7.23 -10.96
C GLU A 149 2.07 6.05 -11.88
N PHE A 150 3.20 5.39 -11.60
CA PHE A 150 3.67 4.16 -12.30
C PHE A 150 2.50 3.21 -12.54
N LEU A 151 1.85 2.71 -11.49
CA LEU A 151 0.77 1.69 -11.58
C LEU A 151 -0.36 2.21 -12.46
N HIS A 152 -0.73 3.49 -12.36
CA HIS A 152 -1.83 4.10 -13.17
C HIS A 152 -1.41 4.09 -14.66
N SER A 153 -0.17 4.47 -14.96
CA SER A 153 0.37 4.54 -16.35
C SER A 153 0.44 3.13 -16.96
N LYS A 154 0.42 2.08 -16.14
CA LYS A 154 0.38 0.66 -16.58
C LYS A 154 -1.06 0.16 -16.66
N GLY A 155 -2.04 1.04 -16.46
CA GLY A 155 -3.47 0.70 -16.44
C GLY A 155 -3.85 -0.18 -15.26
N LEU A 156 -3.13 -0.05 -14.15
CA LEU A 156 -3.44 -0.75 -12.88
C LEU A 156 -3.76 0.28 -11.79
N MET A 157 -4.46 -0.16 -10.74
CA MET A 157 -4.81 0.68 -9.57
C MET A 157 -4.50 -0.10 -8.28
N HIS A 158 -4.15 0.60 -7.21
CA HIS A 158 -3.73 -0.03 -5.92
C HIS A 158 -4.95 -0.56 -5.15
N ARG A 159 -5.80 0.32 -4.61
CA ARG A 159 -7.06 -0.02 -3.87
C ARG A 159 -6.72 -0.56 -2.48
N ASN A 160 -5.51 -0.31 -1.99
CA ASN A 160 -5.08 -0.77 -0.66
C ASN A 160 -4.12 0.24 -0.03
N LEU A 161 -4.17 1.50 -0.46
CA LEU A 161 -3.27 2.56 0.08
C LEU A 161 -3.72 2.92 1.51
N LYS A 162 -2.83 2.73 2.48
CA LYS A 162 -3.09 3.01 3.91
C LYS A 162 -1.84 2.66 4.73
N PRO A 163 -1.54 3.42 5.80
CA PRO A 163 -0.25 3.32 6.48
C PRO A 163 0.15 1.91 6.94
N SER A 164 -0.81 1.06 7.30
CA SER A 164 -0.52 -0.32 7.75
C SER A 164 0.07 -1.14 6.58
N ASN A 165 -0.07 -0.61 5.35
CA ASN A 165 0.30 -1.31 4.09
C ASN A 165 1.15 -0.39 3.20
N ILE A 166 1.80 0.64 3.74
CA ILE A 166 2.97 1.33 3.13
C ILE A 166 4.21 0.87 3.90
N PHE A 167 5.26 0.44 3.20
CA PHE A 167 6.43 -0.26 3.81
C PHE A 167 7.73 0.47 3.53
N PHE A 168 8.76 0.07 4.29
CA PHE A 168 10.18 0.47 4.15
C PHE A 168 11.06 -0.75 3.92
N THR A 169 12.03 -0.63 3.00
CA THR A 169 13.08 -1.65 2.75
C THR A 169 14.17 -1.52 3.82
N MET A 170 15.01 -2.55 3.97
CA MET A 170 16.16 -2.55 4.90
C MET A 170 16.93 -1.23 4.74
N ASP A 171 16.95 -0.65 3.53
CA ASP A 171 17.72 0.57 3.21
C ASP A 171 16.79 1.80 3.16
N ASP A 172 15.71 1.82 3.95
CA ASP A 172 14.86 3.00 4.21
C ASP A 172 14.24 3.55 2.91
N VAL A 173 14.00 2.70 1.91
CA VAL A 173 13.25 3.05 0.67
C VAL A 173 11.77 2.71 0.92
N VAL A 174 10.87 3.66 0.61
CA VAL A 174 9.39 3.50 0.77
C VAL A 174 8.87 2.64 -0.38
N LYS A 175 7.95 1.72 -0.07
CA LYS A 175 7.21 0.88 -1.06
C LYS A 175 5.72 0.92 -0.73
N VAL A 176 4.86 1.10 -1.73
CA VAL A 176 3.41 0.77 -1.59
C VAL A 176 3.35 -0.69 -1.10
N GLY A 177 2.26 -1.09 -0.45
CA GLY A 177 2.13 -2.46 0.09
C GLY A 177 1.52 -3.41 -0.91
N ASP A 178 0.85 -4.46 -0.42
CA ASP A 178 0.16 -5.50 -1.23
C ASP A 178 -0.96 -4.86 -2.05
N PHE A 179 -1.12 -5.30 -3.30
CA PHE A 179 -2.29 -5.03 -4.16
C PHE A 179 -2.50 -6.23 -5.07
N GLY A 180 -3.55 -6.19 -5.90
CA GLY A 180 -3.88 -7.22 -6.91
C GLY A 180 -4.23 -8.57 -6.30
N LEU A 181 -4.72 -9.50 -7.13
CA LEU A 181 -4.98 -10.93 -6.78
C LEU A 181 -6.16 -11.03 -5.80
N VAL A 182 -7.39 -10.92 -6.32
CA VAL A 182 -8.66 -10.85 -5.53
C VAL A 182 -9.35 -12.23 -5.57
N THR A 210 -10.14 -2.38 7.69
CA THR A 210 -10.41 -0.93 7.89
C THR A 210 -10.86 -0.30 6.57
N LYS A 211 -11.59 0.83 6.65
CA LYS A 211 -12.16 1.56 5.48
C LYS A 211 -11.94 3.07 5.61
N LEU A 212 -11.14 3.50 6.58
CA LEU A 212 -10.95 4.93 6.95
C LEU A 212 -10.22 5.67 5.83
N TYR A 213 -9.47 4.94 4.99
CA TYR A 213 -8.64 5.49 3.88
C TYR A 213 -9.24 5.16 2.50
N MET A 214 -10.28 4.32 2.45
CA MET A 214 -11.08 4.07 1.22
C MET A 214 -11.88 5.33 0.88
N SER A 215 -12.01 5.67 -0.41
CA SER A 215 -12.91 6.73 -0.91
C SER A 215 -14.35 6.28 -0.71
N PRO A 216 -15.34 7.20 -0.72
CA PRO A 216 -16.74 6.83 -0.51
C PRO A 216 -17.23 5.79 -1.54
N GLU A 217 -17.12 6.10 -2.84
CA GLU A 217 -17.58 5.24 -3.95
C GLU A 217 -17.07 3.81 -3.74
N GLN A 218 -15.81 3.66 -3.36
CA GLN A 218 -15.14 2.36 -3.11
C GLN A 218 -15.98 1.55 -2.11
N ILE A 219 -16.53 2.19 -1.07
CA ILE A 219 -17.29 1.52 0.02
C ILE A 219 -18.65 1.06 -0.52
N HIS A 220 -19.41 1.94 -1.18
CA HIS A 220 -20.73 1.63 -1.78
C HIS A 220 -20.68 1.93 -3.28
N GLY A 221 -20.25 0.94 -4.07
CA GLY A 221 -20.01 1.04 -5.53
C GLY A 221 -19.25 -0.16 -6.06
N ASN A 222 -18.12 0.08 -6.74
CA ASN A 222 -17.26 -1.01 -7.31
C ASN A 222 -15.82 -0.49 -7.52
N SER A 223 -15.28 0.32 -6.60
CA SER A 223 -13.94 0.96 -6.67
C SER A 223 -13.79 1.66 -8.03
N TYR A 224 -14.88 2.24 -8.54
CA TYR A 224 -15.20 2.31 -9.99
C TYR A 224 -13.98 2.76 -10.78
N SER A 225 -13.34 3.85 -10.36
CA SER A 225 -12.22 4.51 -11.09
C SER A 225 -10.89 4.29 -10.35
N HIS A 226 -9.78 4.60 -11.02
CA HIS A 226 -8.42 4.68 -10.44
C HIS A 226 -8.29 5.93 -9.54
N LYS A 227 -9.35 6.75 -9.44
CA LYS A 227 -9.37 7.98 -8.61
C LYS A 227 -9.36 7.59 -7.13
N VAL A 228 -9.91 6.42 -6.80
CA VAL A 228 -9.99 5.92 -5.39
C VAL A 228 -8.58 5.97 -4.76
N ASP A 229 -7.52 5.91 -5.57
CA ASP A 229 -6.11 5.97 -5.08
C ASP A 229 -5.73 7.43 -4.80
N ILE A 230 -6.18 8.37 -5.63
CA ILE A 230 -5.95 9.84 -5.43
C ILE A 230 -6.54 10.23 -4.07
N PHE A 231 -7.78 9.82 -3.79
CA PHE A 231 -8.47 10.05 -2.50
C PHE A 231 -7.58 9.55 -1.34
N SER A 232 -7.22 8.27 -1.36
CA SER A 232 -6.38 7.61 -0.32
C SER A 232 -5.12 8.45 -0.06
N LEU A 233 -4.49 8.98 -1.11
CA LEU A 233 -3.25 9.77 -1.00
C LEU A 233 -3.53 11.03 -0.18
N GLY A 234 -4.71 11.62 -0.36
CA GLY A 234 -5.12 12.87 0.32
C GLY A 234 -5.02 12.74 1.83
N LEU A 235 -5.79 11.80 2.40
CA LEU A 235 -5.77 11.43 3.84
C LEU A 235 -4.33 11.16 4.30
N ILE A 236 -3.59 10.30 3.59
CA ILE A 236 -2.20 9.91 3.94
C ILE A 236 -1.34 11.18 4.03
N LEU A 237 -1.42 12.09 3.05
CA LEU A 237 -0.62 13.35 3.05
C LEU A 237 -0.92 14.13 4.33
N PHE A 238 -2.21 14.29 4.65
CA PHE A 238 -2.68 14.98 5.88
C PHE A 238 -2.05 14.30 7.11
N GLU A 239 -2.32 13.00 7.30
CA GLU A 239 -1.91 12.25 8.52
C GLU A 239 -0.38 12.35 8.73
N LEU A 240 0.38 12.53 7.64
CA LEU A 240 1.86 12.68 7.69
C LEU A 240 2.22 14.04 8.31
N LEU A 241 1.49 15.08 7.91
CA LEU A 241 1.80 16.50 8.24
C LEU A 241 1.09 16.92 9.54
N TYR A 242 0.20 16.10 10.09
CA TYR A 242 -0.61 16.44 11.29
C TYR A 242 -0.63 15.23 12.23
N PRO A 243 0.36 15.09 13.12
CA PRO A 243 0.44 13.93 13.99
C PRO A 243 -0.78 13.87 14.94
N PHE A 244 -1.06 12.68 15.49
CA PHE A 244 -2.17 12.46 16.46
C PHE A 244 -1.58 12.03 17.81
N SER A 245 -2.38 12.23 18.87
CA SER A 245 -2.03 11.92 20.28
C SER A 245 -2.70 10.63 20.73
N THR A 246 -3.96 10.39 20.30
CA THR A 246 -4.81 9.26 20.73
C THR A 246 -5.58 8.69 19.54
N GLN A 247 -5.90 7.39 19.58
CA GLN A 247 -6.68 6.65 18.55
C GLN A 247 -7.98 7.41 18.27
N MET A 248 -8.69 7.82 19.33
CA MET A 248 -9.96 8.59 19.23
C MET A 248 -9.73 9.83 18.36
N GLU A 249 -8.73 10.63 18.70
CA GLU A 249 -8.38 11.87 17.95
C GLU A 249 -8.23 11.50 16.46
N ARG A 250 -7.35 10.55 16.15
CA ARG A 250 -7.07 10.04 14.78
C ARG A 250 -8.38 9.80 14.01
N VAL A 251 -9.28 9.00 14.57
CA VAL A 251 -10.54 8.56 13.90
C VAL A 251 -11.44 9.79 13.70
N ARG A 252 -11.70 10.53 14.78
CA ARG A 252 -12.58 11.72 14.81
C ARG A 252 -12.10 12.72 13.74
N THR A 253 -10.80 12.99 13.67
CA THR A 253 -10.21 14.08 12.83
C THR A 253 -10.11 13.63 11.37
N LEU A 254 -9.73 12.37 11.11
CA LEU A 254 -9.70 11.80 9.74
C LEU A 254 -11.13 11.74 9.21
N THR A 255 -12.05 11.14 9.99
CA THR A 255 -13.51 11.09 9.69
C THR A 255 -13.98 12.50 9.30
N ASP A 256 -13.55 13.54 10.02
CA ASP A 256 -13.91 14.95 9.72
C ASP A 256 -13.29 15.36 8.38
N VAL A 257 -11.99 15.08 8.20
CA VAL A 257 -11.19 15.52 7.00
C VAL A 257 -11.68 14.78 5.74
N ARG A 258 -12.31 13.61 5.89
CA ARG A 258 -13.08 12.95 4.80
C ARG A 258 -14.18 13.91 4.33
N ASN A 259 -14.80 14.63 5.28
CA ASN A 259 -15.93 15.59 5.05
C ASN A 259 -15.39 17.02 4.93
N LEU A 260 -14.09 17.20 4.71
CA LEU A 260 -13.44 18.50 4.37
C LEU A 260 -13.51 19.47 5.56
N LYS A 261 -13.74 18.94 6.77
CA LYS A 261 -13.65 19.68 8.06
C LYS A 261 -12.20 19.58 8.56
N PHE A 262 -11.36 20.55 8.21
CA PHE A 262 -9.92 20.57 8.57
C PHE A 262 -9.69 21.36 9.86
N PRO A 263 -8.87 20.83 10.80
CA PRO A 263 -8.21 21.69 11.80
C PRO A 263 -7.68 23.00 11.21
N PRO A 264 -8.12 24.18 11.72
CA PRO A 264 -7.60 25.47 11.27
C PRO A 264 -6.08 25.62 11.43
N LEU A 265 -5.49 25.05 12.49
CA LEU A 265 -4.03 25.09 12.77
C LEU A 265 -3.25 24.47 11.61
N PHE A 266 -3.79 23.39 11.02
CA PHE A 266 -3.25 22.74 9.80
C PHE A 266 -3.41 23.70 8.61
N THR A 267 -4.62 24.21 8.35
CA THR A 267 -4.95 25.10 7.20
C THR A 267 -4.04 26.33 7.20
N GLN A 268 -3.66 26.81 8.40
CA GLN A 268 -2.70 27.93 8.61
C GLN A 268 -1.28 27.44 8.29
N LYS A 269 -0.80 26.45 9.06
CA LYS A 269 0.60 25.97 9.10
C LYS A 269 1.08 25.58 7.70
N TYR A 270 0.31 24.77 6.96
CA TYR A 270 0.61 24.33 5.56
C TYR A 270 -0.52 24.78 4.63
N PRO A 271 -0.38 25.95 3.96
CA PRO A 271 -1.46 26.51 3.14
C PRO A 271 -1.54 25.90 1.73
N CYS A 272 -0.38 25.56 1.13
CA CYS A 272 -0.27 24.89 -0.20
C CYS A 272 -0.83 23.47 -0.10
N GLU A 273 -0.26 22.70 0.83
CA GLU A 273 -0.61 21.28 1.16
C GLU A 273 -2.13 21.17 1.31
N TYR A 274 -2.75 22.13 2.00
CA TYR A 274 -4.21 22.22 2.24
C TYR A 274 -4.98 22.23 0.90
N VAL A 275 -4.50 22.98 -0.09
CA VAL A 275 -5.17 23.10 -1.43
C VAL A 275 -5.05 21.75 -2.16
N MET A 276 -3.91 21.07 -2.01
CA MET A 276 -3.60 19.75 -2.61
C MET A 276 -4.56 18.70 -2.02
N VAL A 277 -4.59 18.60 -0.69
CA VAL A 277 -5.39 17.58 0.06
C VAL A 277 -6.87 17.78 -0.28
N GLN A 278 -7.30 19.04 -0.43
CA GLN A 278 -8.67 19.41 -0.86
C GLN A 278 -8.94 18.87 -2.27
N ASP A 279 -8.09 19.25 -3.23
CA ASP A 279 -8.10 18.71 -4.62
C ASP A 279 -8.27 17.19 -4.53
N MET A 280 -7.31 16.51 -3.88
CA MET A 280 -7.24 15.02 -3.81
C MET A 280 -8.51 14.43 -3.20
N LEU A 281 -9.30 15.23 -2.48
CA LEU A 281 -10.53 14.75 -1.77
C LEU A 281 -11.80 15.25 -2.48
N SER A 282 -11.66 16.08 -3.54
CA SER A 282 -12.79 16.62 -4.34
C SER A 282 -13.92 15.60 -4.44
N PRO A 283 -15.08 15.84 -3.80
CA PRO A 283 -16.05 14.78 -3.54
C PRO A 283 -16.61 14.08 -4.79
N SER A 284 -16.51 14.75 -5.95
CA SER A 284 -16.86 14.21 -7.30
C SER A 284 -15.60 13.64 -7.95
N PRO A 285 -15.49 12.30 -8.11
CA PRO A 285 -14.20 11.68 -8.43
C PRO A 285 -13.49 12.39 -9.60
N MET A 286 -14.19 12.52 -10.73
CA MET A 286 -13.71 13.11 -12.01
C MET A 286 -12.99 14.45 -11.77
N GLU A 287 -13.22 15.11 -10.62
CA GLU A 287 -12.67 16.44 -10.28
C GLU A 287 -11.21 16.32 -9.83
N ARG A 288 -10.88 15.25 -9.08
CA ARG A 288 -9.57 15.06 -8.40
C ARG A 288 -8.46 15.03 -9.44
N PRO A 289 -7.20 15.39 -9.07
CA PRO A 289 -6.08 15.36 -10.02
C PRO A 289 -5.70 13.94 -10.48
N GLU A 290 -4.78 13.86 -11.43
CA GLU A 290 -4.12 12.59 -11.86
C GLU A 290 -2.83 12.44 -11.07
N ALA A 291 -2.40 11.20 -10.84
CA ALA A 291 -1.15 10.86 -10.11
C ALA A 291 -0.04 11.81 -10.57
N ILE A 292 0.16 11.89 -11.89
CA ILE A 292 1.20 12.73 -12.56
C ILE A 292 1.12 14.18 -12.03
N ASN A 293 -0.08 14.78 -12.02
CA ASN A 293 -0.33 16.21 -11.67
C ASN A 293 0.23 16.52 -10.27
N ILE A 294 0.03 15.59 -9.33
CA ILE A 294 0.39 15.75 -7.89
C ILE A 294 1.92 15.84 -7.76
N ILE A 295 2.65 15.00 -8.50
CA ILE A 295 4.15 14.94 -8.44
C ILE A 295 4.73 16.23 -9.04
N GLU A 296 3.98 16.87 -9.95
CA GLU A 296 4.37 18.11 -10.67
C GLU A 296 3.94 19.36 -9.87
N ASN A 297 3.43 19.19 -8.65
CA ASN A 297 3.04 20.31 -7.76
C ASN A 297 4.28 20.99 -7.19
N ALA A 298 4.22 22.32 -7.05
CA ALA A 298 5.33 23.22 -6.71
C ALA A 298 6.02 22.77 -5.42
N VAL A 299 5.25 22.33 -4.42
CA VAL A 299 5.75 22.00 -3.05
C VAL A 299 6.88 20.96 -3.14
N PHE A 300 6.90 20.14 -4.19
CA PHE A 300 8.00 19.19 -4.51
C PHE A 300 8.98 19.87 -5.48
N GLU A 301 9.94 20.62 -4.95
CA GLU A 301 11.05 21.26 -5.70
C GLU A 301 12.17 21.64 -4.72
N ASP A 302 13.36 21.05 -4.88
CA ASP A 302 14.54 21.21 -3.99
C ASP A 302 14.14 20.78 -2.58
N LEU A 303 13.76 19.51 -2.43
CA LEU A 303 13.47 18.84 -1.12
C LEU A 303 14.76 18.85 -0.28
#